data_5VGU
#
_entry.id   5VGU
#
_cell.length_a   99.957
_cell.length_b   93.997
_cell.length_c   72.815
_cell.angle_alpha   90.000
_cell.angle_beta   90.000
_cell.angle_gamma   90.000
#
_symmetry.space_group_name_H-M   'P 21 21 2'
#
loop_
_entity.id
_entity.type
_entity.pdbx_description
1 polymer 'Microcompartments protein'
2 water water
#
_entity_poly.entity_id   1
_entity_poly.type   'polypeptide(L)'
_entity_poly.pdbx_seq_one_letter_code
;MSLDAVGSLETKGFPGVLAAADAMVKTGRVTLVGYIRAGSARFTIIIRGDVSEVKTAMDAGIHAVDKAYGAALETWVIIP
RPHENVECVLPIAYNENVERFRESTERPLIGSSQNRSWSHPQFEK
;
_entity_poly.pdbx_strand_id   A,B,C,D,E,F
#
# COMPACT_ATOMS: atom_id res chain seq x y z
N SER A 2 2.46 -12.95 24.90
CA SER A 2 2.49 -12.00 26.01
C SER A 2 1.39 -12.35 27.00
N LEU A 3 1.66 -12.20 28.29
CA LEU A 3 0.62 -12.40 29.29
C LEU A 3 -0.10 -11.11 29.66
N ASP A 4 0.20 -9.99 28.98
CA ASP A 4 -0.53 -8.75 29.18
C ASP A 4 -2.02 -8.98 28.99
N ALA A 5 -2.81 -8.20 29.73
CA ALA A 5 -4.26 -8.23 29.58
C ALA A 5 -4.67 -7.87 28.16
N VAL A 6 -5.86 -8.31 27.81
CA VAL A 6 -6.45 -7.94 26.52
C VAL A 6 -7.80 -7.27 26.77
N GLY A 7 -8.03 -6.19 26.06
CA GLY A 7 -9.33 -5.55 26.02
C GLY A 7 -9.87 -5.60 24.60
N SER A 8 -11.17 -5.85 24.48
CA SER A 8 -11.80 -5.87 23.18
C SER A 8 -13.12 -5.13 23.27
N LEU A 9 -13.37 -4.29 22.28
CA LEU A 9 -14.56 -3.46 22.21
C LEU A 9 -15.06 -3.46 20.78
N GLU A 10 -16.38 -3.55 20.62
CA GLU A 10 -17.00 -3.65 19.31
C GLU A 10 -18.13 -2.66 19.19
N THR A 11 -18.13 -1.88 18.09
CA THR A 11 -19.14 -0.86 17.85
C THR A 11 -19.93 -1.15 16.58
N LYS A 12 -21.12 -0.56 16.51
CA LYS A 12 -21.82 -0.43 15.25
C LYS A 12 -21.26 0.79 14.54
N GLY A 13 -20.65 0.59 13.38
CA GLY A 13 -20.07 1.68 12.60
C GLY A 13 -18.60 1.87 12.92
N PHE A 14 -17.85 2.32 11.90
CA PHE A 14 -16.42 2.51 12.04
C PHE A 14 -16.09 3.77 12.86
N PRO A 15 -16.80 4.89 12.65
CA PRO A 15 -16.49 6.09 13.43
C PRO A 15 -16.46 5.85 14.93
N GLY A 16 -17.39 5.04 15.45
CA GLY A 16 -17.38 4.75 16.88
C GLY A 16 -16.11 4.04 17.32
N VAL A 17 -15.61 3.12 16.50
CA VAL A 17 -14.40 2.37 16.88
C VAL A 17 -13.17 3.25 16.77
N LEU A 18 -13.17 4.20 15.82
CA LEU A 18 -12.09 5.17 15.73
C LEU A 18 -12.05 6.04 16.98
N ALA A 19 -13.22 6.53 17.41
CA ALA A 19 -13.30 7.34 18.64
C ALA A 19 -12.83 6.54 19.85
N ALA A 20 -13.29 5.29 19.99
CA ALA A 20 -12.92 4.49 21.15
C ALA A 20 -11.42 4.19 21.16
N ALA A 21 -10.85 3.82 20.00
CA ALA A 21 -9.43 3.48 19.93
C ALA A 21 -8.56 4.65 20.36
N ASP A 22 -8.89 5.84 19.87
CA ASP A 22 -8.09 7.01 20.20
C ASP A 22 -8.16 7.32 21.70
N ALA A 23 -9.36 7.24 22.28
CA ALA A 23 -9.47 7.48 23.72
C ALA A 23 -8.70 6.45 24.53
N MET A 24 -8.74 5.18 24.10
CA MET A 24 -8.07 4.12 24.84
C MET A 24 -6.58 4.38 24.95
N VAL A 25 -5.92 4.62 23.80
CA VAL A 25 -4.47 4.73 23.82
C VAL A 25 -4.03 6.08 24.37
N LYS A 26 -4.91 7.07 24.40
CA LYS A 26 -4.55 8.33 25.03
C LYS A 26 -4.72 8.32 26.55
N THR A 27 -5.51 7.39 27.10
CA THR A 27 -5.78 7.40 28.53
C THR A 27 -5.09 6.30 29.31
N GLY A 28 -4.93 5.12 28.74
CA GLY A 28 -4.21 4.03 29.40
C GLY A 28 -2.90 3.80 28.69
N ARG A 29 -1.93 3.27 29.43
CA ARG A 29 -0.65 2.83 28.87
C ARG A 29 -0.89 1.49 28.19
N VAL A 30 -1.56 1.56 27.03
CA VAL A 30 -1.97 0.38 26.29
C VAL A 30 -1.57 0.54 24.84
N THR A 31 -1.52 -0.59 24.14
CA THR A 31 -1.21 -0.65 22.72
C THR A 31 -2.44 -1.19 21.98
N LEU A 32 -2.87 -0.46 20.97
CA LEU A 32 -3.87 -0.96 20.03
C LEU A 32 -3.15 -1.89 19.07
N VAL A 33 -3.52 -3.17 19.06
CA VAL A 33 -2.79 -4.14 18.26
C VAL A 33 -3.49 -4.51 16.96
N GLY A 34 -4.80 -4.30 16.84
CA GLY A 34 -5.50 -4.69 15.64
C GLY A 34 -6.97 -4.37 15.71
N TYR A 35 -7.65 -4.57 14.57
CA TYR A 35 -9.09 -4.42 14.49
C TYR A 35 -9.63 -5.49 13.55
N ILE A 36 -10.94 -5.74 13.68
CA ILE A 36 -11.65 -6.75 12.89
C ILE A 36 -12.88 -6.09 12.26
N ARG A 37 -13.09 -6.33 10.96
CA ARG A 37 -14.41 -6.10 10.36
C ARG A 37 -15.26 -7.32 10.66
N ALA A 38 -16.22 -7.17 11.57
CA ALA A 38 -16.97 -8.33 12.06
C ALA A 38 -18.15 -8.68 11.18
N GLY A 39 -18.45 -7.84 10.19
CA GLY A 39 -19.67 -7.93 9.42
C GLY A 39 -20.79 -7.12 10.03
N SER A 40 -21.79 -6.85 9.20
CA SER A 40 -22.98 -6.08 9.61
C SER A 40 -22.60 -4.70 10.15
N ALA A 41 -21.58 -4.10 9.54
CA ALA A 41 -21.07 -2.78 9.90
C ALA A 41 -20.60 -2.72 11.35
N ARG A 42 -20.25 -3.85 11.95
CA ARG A 42 -19.64 -3.87 13.27
C ARG A 42 -18.12 -4.02 13.14
N PHE A 43 -17.41 -3.33 14.03
CA PHE A 43 -15.95 -3.26 14.02
C PHE A 43 -15.47 -3.55 15.44
N THR A 44 -14.44 -4.38 15.54
CA THR A 44 -13.84 -4.78 16.81
C THR A 44 -12.44 -4.21 16.90
N ILE A 45 -12.07 -3.66 18.05
CA ILE A 45 -10.69 -3.27 18.28
C ILE A 45 -10.16 -4.04 19.49
N ILE A 46 -8.84 -4.24 19.51
CA ILE A 46 -8.16 -5.05 20.52
C ILE A 46 -6.98 -4.24 21.06
N ILE A 47 -6.91 -4.11 22.37
CA ILE A 47 -5.79 -3.46 23.01
C ILE A 47 -5.11 -4.47 23.94
N ARG A 48 -3.83 -4.23 24.21
CA ARG A 48 -3.06 -5.00 25.17
C ARG A 48 -2.34 -4.07 26.12
N GLY A 49 -2.14 -4.55 27.33
CA GLY A 49 -1.38 -3.84 28.33
C GLY A 49 -1.58 -4.46 29.70
N ASP A 50 -0.97 -3.81 30.70
CA ASP A 50 -1.23 -4.23 32.08
C ASP A 50 -2.72 -4.14 32.40
N VAL A 51 -3.21 -5.08 33.22
CA VAL A 51 -4.64 -5.16 33.49
C VAL A 51 -5.21 -3.83 33.99
N SER A 52 -4.52 -3.15 34.90
CA SER A 52 -5.05 -1.88 35.41
C SER A 52 -5.10 -0.82 34.31
N GLU A 53 -4.12 -0.82 33.41
CA GLU A 53 -4.13 0.14 32.31
C GLU A 53 -5.22 -0.20 31.28
N VAL A 54 -5.44 -1.49 31.03
CA VAL A 54 -6.53 -1.88 30.13
C VAL A 54 -7.88 -1.48 30.71
N LYS A 55 -8.05 -1.59 32.04
CA LYS A 55 -9.31 -1.16 32.65
C LYS A 55 -9.54 0.32 32.43
N THR A 56 -8.53 1.14 32.69
CA THR A 56 -8.64 2.58 32.51
C THR A 56 -8.91 2.94 31.06
N ALA A 57 -8.16 2.32 30.13
CA ALA A 57 -8.38 2.57 28.71
C ALA A 57 -9.79 2.17 28.28
N MET A 58 -10.26 1.01 28.75
CA MET A 58 -11.58 0.53 28.33
C MET A 58 -12.67 1.51 28.76
N ASP A 59 -12.61 2.03 29.99
CA ASP A 59 -13.60 2.99 30.43
C ASP A 59 -13.61 4.22 29.53
N ALA A 60 -12.43 4.73 29.18
CA ALA A 60 -12.36 5.89 28.31
C ALA A 60 -12.91 5.55 26.92
N GLY A 61 -12.61 4.35 26.41
CA GLY A 61 -13.12 3.95 25.11
C GLY A 61 -14.64 3.83 25.10
N ILE A 62 -15.21 3.25 26.14
CA ILE A 62 -16.66 3.12 26.24
C ILE A 62 -17.31 4.50 26.21
N HIS A 63 -16.77 5.44 26.98
CA HIS A 63 -17.34 6.78 27.00
C HIS A 63 -17.13 7.51 25.68
N ALA A 64 -16.04 7.22 24.96
CA ALA A 64 -15.79 7.91 23.70
C ALA A 64 -16.77 7.48 22.62
N VAL A 65 -17.33 6.27 22.70
CA VAL A 65 -18.24 5.84 21.65
C VAL A 65 -19.41 6.81 21.52
N ASP A 66 -19.90 7.34 22.65
CA ASP A 66 -21.03 8.27 22.62
C ASP A 66 -20.68 9.60 21.97
N LYS A 67 -19.40 9.92 21.83
CA LYS A 67 -19.02 11.14 21.14
C LYS A 67 -19.10 11.01 19.62
N ALA A 68 -19.27 9.80 19.07
CA ALA A 68 -19.44 9.62 17.64
C ALA A 68 -20.93 9.57 17.34
N TYR A 69 -21.41 10.57 16.60
CA TYR A 69 -22.80 10.58 16.15
C TYR A 69 -23.16 9.25 15.50
N GLY A 70 -24.26 8.68 15.95
CA GLY A 70 -24.80 7.47 15.35
C GLY A 70 -24.11 6.19 15.76
N ALA A 71 -23.05 6.27 16.55
CA ALA A 71 -22.34 5.07 16.95
C ALA A 71 -23.08 4.36 18.09
N ALA A 72 -22.91 3.05 18.14
CA ALA A 72 -23.43 2.26 19.25
C ALA A 72 -22.34 1.34 19.76
N LEU A 73 -22.27 1.23 21.07
CA LEU A 73 -21.39 0.26 21.71
C LEU A 73 -22.16 -1.07 21.79
N GLU A 74 -21.64 -2.10 21.12
CA GLU A 74 -22.35 -3.38 21.11
C GLU A 74 -21.88 -4.34 22.20
N THR A 75 -20.58 -4.44 22.45
CA THR A 75 -20.07 -5.50 23.32
C THR A 75 -18.61 -5.21 23.62
N TRP A 76 -18.16 -5.64 24.80
CA TRP A 76 -16.77 -5.46 25.18
C TRP A 76 -16.42 -6.46 26.28
N VAL A 77 -15.11 -6.68 26.44
CA VAL A 77 -14.63 -7.58 27.48
C VAL A 77 -13.19 -7.22 27.81
N ILE A 78 -12.79 -7.54 29.04
CA ILE A 78 -11.38 -7.56 29.43
C ILE A 78 -11.05 -8.98 29.87
N ILE A 79 -9.97 -9.53 29.31
CA ILE A 79 -9.41 -10.81 29.68
C ILE A 79 -8.08 -10.53 30.36
N PRO A 80 -7.99 -10.65 31.68
CA PRO A 80 -6.81 -10.12 32.37
C PRO A 80 -5.51 -10.77 32.01
N ARG A 81 -5.50 -12.05 31.62
CA ARG A 81 -4.24 -12.75 31.43
C ARG A 81 -4.43 -13.91 30.45
N PRO A 82 -4.47 -13.64 29.14
CA PRO A 82 -4.91 -14.67 28.18
C PRO A 82 -3.93 -15.82 27.99
N HIS A 83 -4.49 -17.01 27.82
CA HIS A 83 -3.71 -18.20 27.51
C HIS A 83 -3.05 -18.04 26.14
N GLU A 84 -1.80 -18.51 26.05
CA GLU A 84 -1.03 -18.41 24.81
C GLU A 84 -1.76 -19.01 23.60
N ASN A 85 -2.56 -20.06 23.80
CA ASN A 85 -3.31 -20.65 22.68
C ASN A 85 -4.36 -19.69 22.13
N VAL A 86 -4.99 -18.90 23.00
CA VAL A 86 -5.96 -17.91 22.57
C VAL A 86 -5.27 -16.79 21.81
N GLU A 87 -4.14 -16.32 22.35
CA GLU A 87 -3.35 -15.28 21.71
C GLU A 87 -2.87 -15.73 20.34
N CYS A 88 -2.54 -17.01 20.21
CA CYS A 88 -2.08 -17.57 18.93
C CYS A 88 -3.22 -17.61 17.92
N VAL A 89 -4.38 -18.13 18.29
CA VAL A 89 -5.41 -18.38 17.29
C VAL A 89 -6.23 -17.13 17.01
N LEU A 90 -6.59 -16.40 18.03
CA LEU A 90 -7.41 -15.21 17.83
C LEU A 90 -6.52 -14.02 17.52
N PRO A 91 -7.06 -12.98 16.85
CA PRO A 91 -6.20 -11.86 16.41
C PRO A 91 -5.98 -10.81 17.50
N ILE A 92 -5.23 -11.20 18.53
CA ILE A 92 -5.05 -10.35 19.71
C ILE A 92 -3.59 -10.16 20.11
N ALA A 93 -2.64 -10.74 19.38
CA ALA A 93 -1.24 -10.67 19.74
C ALA A 93 -0.64 -9.30 19.37
N TYR A 94 0.40 -8.91 20.10
CA TYR A 94 1.29 -7.89 19.63
C TYR A 94 1.88 -8.30 18.29
N ASN A 95 2.23 -7.31 17.47
CA ASN A 95 2.81 -7.55 16.17
C ASN A 95 3.89 -6.50 15.88
N GLU A 96 4.68 -6.74 14.83
CA GLU A 96 5.82 -5.86 14.57
C GLU A 96 5.37 -4.46 14.17
N ASN A 97 4.17 -4.31 13.62
CA ASN A 97 3.66 -2.99 13.23
C ASN A 97 3.45 -2.08 14.43
N VAL A 98 3.19 -2.63 15.63
CA VAL A 98 2.87 -1.82 16.79
C VAL A 98 3.94 -1.94 17.89
N GLU A 99 5.07 -2.56 17.60
CA GLU A 99 6.09 -2.78 18.61
C GLU A 99 6.53 -1.47 19.27
N ARG A 100 6.74 -0.42 18.47
CA ARG A 100 7.25 0.82 19.04
C ARG A 100 6.28 1.44 20.03
N PHE A 101 4.97 1.15 19.91
CA PHE A 101 4.03 1.66 20.90
C PHE A 101 4.02 0.79 22.15
N ARG A 102 4.30 -0.50 22.01
CA ARG A 102 4.46 -1.37 23.18
C ARG A 102 5.65 -0.94 24.00
N GLU A 103 6.80 -0.74 23.34
CA GLU A 103 7.97 -0.20 24.03
C GLU A 103 7.63 1.08 24.79
N SER A 104 6.78 1.94 24.22
CA SER A 104 6.47 3.22 24.85
C SER A 104 5.66 3.06 26.14
N THR A 105 4.84 2.00 26.24
CA THR A 105 4.01 1.79 27.43
C THR A 105 4.85 1.37 28.63
N SER B 2 1.22 10.97 10.73
CA SER B 2 0.77 12.35 10.65
C SER B 2 -0.11 12.69 11.84
N LEU B 3 0.02 13.92 12.35
CA LEU B 3 -0.86 14.40 13.41
C LEU B 3 -2.07 15.15 12.89
N ASP B 4 -2.26 15.20 11.57
CA ASP B 4 -3.45 15.82 10.99
C ASP B 4 -4.73 15.21 11.58
N ALA B 5 -5.77 16.04 11.64
CA ALA B 5 -7.09 15.59 12.04
C ALA B 5 -7.59 14.47 11.12
N VAL B 6 -8.50 13.66 11.65
CA VAL B 6 -9.16 12.63 10.86
C VAL B 6 -10.66 12.80 10.99
N GLY B 7 -11.33 12.70 9.85
CA GLY B 7 -12.78 12.62 9.80
C GLY B 7 -13.22 11.32 9.15
N SER B 8 -14.28 10.72 9.68
CA SER B 8 -14.84 9.52 9.09
C SER B 8 -16.35 9.63 9.07
N LEU B 9 -16.94 9.22 7.96
CA LEU B 9 -18.37 9.28 7.76
C LEU B 9 -18.83 7.97 7.11
N GLU B 10 -19.99 7.46 7.53
CA GLU B 10 -20.47 6.17 7.02
C GLU B 10 -21.93 6.29 6.60
N THR B 11 -22.25 5.82 5.40
CA THR B 11 -23.59 5.88 4.84
C THR B 11 -24.17 4.49 4.59
N LYS B 12 -25.50 4.45 4.53
CA LYS B 12 -26.19 3.31 3.95
C LYS B 12 -26.25 3.52 2.44
N GLY B 13 -25.59 2.61 1.70
CA GLY B 13 -25.50 2.68 0.26
C GLY B 13 -24.27 3.42 -0.24
N PHE B 14 -23.78 2.99 -1.41
CA PHE B 14 -22.59 3.61 -1.96
C PHE B 14 -22.86 5.01 -2.52
N PRO B 15 -23.97 5.27 -3.21
CA PRO B 15 -24.17 6.63 -3.77
C PRO B 15 -24.08 7.71 -2.73
N GLY B 16 -24.60 7.47 -1.53
CA GLY B 16 -24.49 8.47 -0.48
C GLY B 16 -23.05 8.78 -0.11
N VAL B 17 -22.19 7.76 -0.10
CA VAL B 17 -20.78 7.99 0.27
C VAL B 17 -20.04 8.69 -0.87
N LEU B 18 -20.45 8.41 -2.11
CA LEU B 18 -19.89 9.11 -3.26
C LEU B 18 -20.23 10.59 -3.19
N ALA B 19 -21.50 10.89 -2.91
CA ALA B 19 -21.92 12.29 -2.75
C ALA B 19 -21.15 12.96 -1.63
N ALA B 20 -21.05 12.30 -0.48
CA ALA B 20 -20.37 12.89 0.66
C ALA B 20 -18.90 13.15 0.37
N ALA B 21 -18.21 12.16 -0.23
CA ALA B 21 -16.78 12.30 -0.47
C ALA B 21 -16.49 13.46 -1.41
N ASP B 22 -17.31 13.59 -2.47
CA ASP B 22 -17.07 14.65 -3.43
C ASP B 22 -17.27 16.03 -2.78
N ALA B 23 -18.31 16.17 -1.96
CA ALA B 23 -18.52 17.42 -1.26
C ALA B 23 -17.36 17.75 -0.32
N MET B 24 -16.82 16.73 0.36
CA MET B 24 -15.74 16.97 1.31
C MET B 24 -14.52 17.55 0.62
N VAL B 25 -14.05 16.91 -0.46
CA VAL B 25 -12.79 17.37 -1.05
C VAL B 25 -12.97 18.65 -1.87
N LYS B 26 -14.20 18.99 -2.22
CA LYS B 26 -14.44 20.26 -2.91
C LYS B 26 -14.58 21.45 -1.97
N THR B 27 -14.82 21.21 -0.68
CA THR B 27 -15.04 22.28 0.29
C THR B 27 -13.92 22.46 1.30
N GLY B 28 -13.23 21.39 1.71
CA GLY B 28 -12.10 21.51 2.62
C GLY B 28 -10.83 21.12 1.90
N ARG B 29 -9.71 21.71 2.32
CA ARG B 29 -8.38 21.30 1.86
C ARG B 29 -8.01 20.02 2.62
N VAL B 30 -8.64 18.94 2.20
CA VAL B 30 -8.50 17.64 2.85
C VAL B 30 -8.17 16.61 1.79
N THR B 31 -7.66 15.47 2.25
CA THR B 31 -7.36 14.33 1.40
C THR B 31 -8.29 13.20 1.82
N LEU B 32 -9.02 12.67 0.84
CA LEU B 32 -9.74 11.41 1.04
C LEU B 32 -8.70 10.30 0.92
N VAL B 33 -8.46 9.56 2.01
CA VAL B 33 -7.38 8.58 2.01
C VAL B 33 -7.86 7.16 1.71
N GLY B 34 -9.12 6.84 1.95
CA GLY B 34 -9.59 5.48 1.71
C GLY B 34 -11.06 5.37 2.02
N TYR B 35 -11.59 4.19 1.74
CA TYR B 35 -12.97 3.88 2.09
C TYR B 35 -13.02 2.42 2.52
N ILE B 36 -14.11 2.05 3.20
CA ILE B 36 -14.32 0.70 3.73
C ILE B 36 -15.68 0.20 3.28
N ARG B 37 -15.73 -1.02 2.77
CA ARG B 37 -17.00 -1.72 2.69
C ARG B 37 -17.28 -2.32 4.05
N ALA B 38 -18.22 -1.74 4.78
CA ALA B 38 -18.42 -2.09 6.18
C ALA B 38 -19.33 -3.31 6.35
N GLY B 39 -19.97 -3.77 5.29
CA GLY B 39 -21.01 -4.76 5.38
C GLY B 39 -22.37 -4.12 5.53
N SER B 40 -23.40 -4.91 5.25
CA SER B 40 -24.79 -4.43 5.34
C SER B 40 -25.01 -3.22 4.45
N ALA B 41 -24.34 -3.18 3.30
CA ALA B 41 -24.46 -2.09 2.34
C ALA B 41 -24.08 -0.74 2.93
N ARG B 42 -23.27 -0.74 3.99
CA ARG B 42 -22.75 0.50 4.54
C ARG B 42 -21.32 0.71 4.05
N PHE B 43 -20.98 1.97 3.82
CA PHE B 43 -19.68 2.35 3.28
C PHE B 43 -19.12 3.47 4.14
N THR B 44 -17.84 3.35 4.50
CA THR B 44 -17.12 4.32 5.33
C THR B 44 -16.11 5.07 4.47
N ILE B 45 -16.03 6.40 4.64
CA ILE B 45 -14.93 7.15 4.02
C ILE B 45 -14.12 7.86 5.10
N ILE B 46 -12.84 8.11 4.79
CA ILE B 46 -11.89 8.68 5.74
C ILE B 46 -11.15 9.82 5.06
N ILE B 47 -11.12 10.99 5.73
CA ILE B 47 -10.36 12.14 5.27
C ILE B 47 -9.34 12.54 6.33
N ARG B 48 -8.27 13.18 5.86
CA ARG B 48 -7.24 13.75 6.71
C ARG B 48 -6.96 15.17 6.25
N GLY B 49 -6.54 16.00 7.21
CA GLY B 49 -6.15 17.36 6.91
C GLY B 49 -6.07 18.18 8.18
N ASP B 50 -5.83 19.47 7.99
CA ASP B 50 -5.91 20.37 9.15
C ASP B 50 -7.30 20.31 9.79
N VAL B 51 -7.31 20.50 11.11
CA VAL B 51 -8.55 20.43 11.88
C VAL B 51 -9.63 21.31 11.24
N SER B 52 -9.29 22.54 10.87
CA SER B 52 -10.30 23.43 10.33
C SER B 52 -10.88 22.92 9.02
N GLU B 53 -10.03 22.33 8.17
CA GLU B 53 -10.47 21.85 6.87
C GLU B 53 -11.28 20.55 7.00
N VAL B 54 -10.91 19.67 7.93
CA VAL B 54 -11.69 18.44 8.15
C VAL B 54 -13.08 18.80 8.65
N LYS B 55 -13.17 19.77 9.56
CA LYS B 55 -14.48 20.18 10.06
C LYS B 55 -15.33 20.73 8.93
N THR B 56 -14.75 21.59 8.09
CA THR B 56 -15.49 22.17 6.98
C THR B 56 -15.93 21.09 6.00
N ALA B 57 -15.00 20.22 5.62
CA ALA B 57 -15.32 19.13 4.71
C ALA B 57 -16.40 18.23 5.29
N MET B 58 -16.28 17.87 6.57
CA MET B 58 -17.29 16.99 7.18
C MET B 58 -18.67 17.64 7.15
N ASP B 59 -18.75 18.93 7.45
CA ASP B 59 -20.04 19.59 7.39
C ASP B 59 -20.64 19.49 5.99
N ALA B 60 -19.83 19.75 4.97
CA ALA B 60 -20.34 19.67 3.61
C ALA B 60 -20.74 18.24 3.27
N GLY B 61 -19.95 17.27 3.70
CA GLY B 61 -20.27 15.87 3.42
C GLY B 61 -21.57 15.41 4.06
N ILE B 62 -21.80 15.81 5.30
CA ILE B 62 -23.04 15.46 6.00
C ILE B 62 -24.25 15.96 5.22
N HIS B 63 -24.20 17.23 4.80
CA HIS B 63 -25.31 17.79 4.04
C HIS B 63 -25.45 17.15 2.67
N ALA B 64 -24.34 16.71 2.07
CA ALA B 64 -24.41 16.14 0.72
C ALA B 64 -25.07 14.76 0.70
N VAL B 65 -25.06 14.02 1.82
CA VAL B 65 -25.65 12.67 1.80
C VAL B 65 -27.12 12.73 1.37
N ASP B 66 -27.87 13.75 1.82
CA ASP B 66 -29.28 13.87 1.46
C ASP B 66 -29.51 14.10 -0.03
N LYS B 67 -28.49 14.51 -0.77
CA LYS B 67 -28.69 14.71 -2.20
C LYS B 67 -28.72 13.40 -2.96
N ALA B 68 -28.34 12.28 -2.33
CA ALA B 68 -28.41 10.97 -2.96
C ALA B 68 -29.74 10.35 -2.60
N TYR B 69 -30.60 10.15 -3.60
CA TYR B 69 -31.86 9.45 -3.36
C TYR B 69 -31.61 8.15 -2.59
N GLY B 70 -32.37 7.95 -1.52
CA GLY B 70 -32.32 6.70 -0.80
C GLY B 70 -31.15 6.54 0.14
N ALA B 71 -30.23 7.49 0.18
CA ALA B 71 -29.08 7.38 1.07
C ALA B 71 -29.46 7.76 2.50
N ALA B 72 -28.74 7.18 3.45
CA ALA B 72 -28.87 7.58 4.85
C ALA B 72 -27.49 7.79 5.44
N LEU B 73 -27.37 8.84 6.24
CA LEU B 73 -26.16 9.06 7.03
C LEU B 73 -26.28 8.27 8.32
N GLU B 74 -25.38 7.30 8.51
CA GLU B 74 -25.47 6.44 9.69
C GLU B 74 -24.66 6.95 10.88
N THR B 75 -23.44 7.44 10.66
CA THR B 75 -22.53 7.75 11.76
C THR B 75 -21.34 8.53 11.21
N TRP B 76 -20.76 9.37 12.06
CA TRP B 76 -19.57 10.14 11.68
C TRP B 76 -18.85 10.59 12.94
N VAL B 77 -17.58 10.94 12.78
CA VAL B 77 -16.78 11.46 13.89
C VAL B 77 -15.64 12.28 13.32
N ILE B 78 -15.15 13.23 14.13
CA ILE B 78 -13.89 13.92 13.88
C ILE B 78 -13.00 13.73 15.09
N ILE B 79 -11.75 13.34 14.84
CA ILE B 79 -10.72 13.29 15.87
C ILE B 79 -9.69 14.36 15.53
N PRO B 80 -9.61 15.46 16.27
CA PRO B 80 -8.74 16.57 15.84
C PRO B 80 -7.26 16.22 15.80
N ARG B 81 -6.80 15.32 16.66
CA ARG B 81 -5.37 15.02 16.79
C ARG B 81 -5.19 13.55 17.14
N PRO B 82 -5.31 12.67 16.16
CA PRO B 82 -5.34 11.23 16.47
C PRO B 82 -3.97 10.72 16.87
N HIS B 83 -3.99 9.78 17.82
CA HIS B 83 -2.78 9.11 18.28
C HIS B 83 -2.14 8.29 17.15
N GLU B 84 -0.81 8.32 17.09
CA GLU B 84 -0.08 7.63 16.02
C GLU B 84 -0.38 6.13 15.99
N ASN B 85 -0.66 5.52 17.15
CA ASN B 85 -0.97 4.11 17.21
C ASN B 85 -2.26 3.81 16.46
N VAL B 86 -3.23 4.72 16.53
CA VAL B 86 -4.49 4.54 15.83
C VAL B 86 -4.29 4.59 14.33
N GLU B 87 -3.51 5.57 13.87
CA GLU B 87 -3.20 5.73 12.45
C GLU B 87 -2.52 4.50 11.88
N CYS B 88 -1.73 3.84 12.71
CA CYS B 88 -0.98 2.68 12.28
C CYS B 88 -1.92 1.50 12.03
N VAL B 89 -2.85 1.23 12.94
CA VAL B 89 -3.69 0.02 12.92
C VAL B 89 -4.95 0.20 12.08
N LEU B 90 -5.67 1.36 12.27
CA LEU B 90 -6.89 1.59 11.54
C LEU B 90 -6.57 2.18 10.17
N PRO B 91 -7.44 2.00 9.18
CA PRO B 91 -7.09 2.43 7.82
C PRO B 91 -7.35 3.92 7.61
N ILE B 92 -6.55 4.75 8.28
CA ILE B 92 -6.78 6.19 8.27
C ILE B 92 -5.53 6.98 7.89
N ALA B 93 -4.42 6.32 7.58
CA ALA B 93 -3.18 7.01 7.26
C ALA B 93 -3.20 7.58 5.84
N TYR B 94 -2.41 8.64 5.63
CA TYR B 94 -2.05 8.99 4.27
C TYR B 94 -1.33 7.80 3.63
N ASN B 95 -1.47 7.64 2.33
CA ASN B 95 -0.86 6.51 1.65
C ASN B 95 -0.30 7.01 0.33
N GLU B 96 0.52 6.19 -0.33
CA GLU B 96 1.16 6.70 -1.54
C GLU B 96 0.16 6.92 -2.68
N ASN B 97 -0.98 6.23 -2.67
CA ASN B 97 -1.97 6.41 -3.73
C ASN B 97 -2.53 7.83 -3.76
N VAL B 98 -2.56 8.52 -2.61
CA VAL B 98 -3.21 9.82 -2.51
C VAL B 98 -2.22 10.93 -2.22
N GLU B 99 -0.91 10.66 -2.36
CA GLU B 99 0.10 11.65 -2.02
C GLU B 99 -0.11 12.97 -2.77
N ARG B 100 -0.46 12.91 -4.05
CA ARG B 100 -0.56 14.13 -4.85
C ARG B 100 -1.67 15.06 -4.36
N PHE B 101 -2.65 14.54 -3.63
CA PHE B 101 -3.74 15.36 -3.11
C PHE B 101 -3.38 16.06 -1.80
N ARG B 102 -2.36 15.60 -1.09
CA ARG B 102 -1.87 16.32 0.10
C ARG B 102 -1.34 17.69 -0.26
N SER C 2 -10.57 11.57 -15.19
CA SER C 2 -11.54 12.15 -16.11
C SER C 2 -12.50 13.09 -15.38
N LEU C 3 -12.91 14.16 -16.05
CA LEU C 3 -13.90 15.06 -15.51
C LEU C 3 -15.33 14.66 -15.90
N ASP C 4 -15.51 13.54 -16.61
CA ASP C 4 -16.86 13.07 -16.92
C ASP C 4 -17.68 12.91 -15.66
N ALA C 5 -18.98 13.12 -15.79
CA ALA C 5 -19.90 12.85 -14.69
C ALA C 5 -19.85 11.38 -14.29
N VAL C 6 -20.29 11.10 -13.05
CA VAL C 6 -20.45 9.73 -12.56
C VAL C 6 -21.90 9.55 -12.13
N GLY C 7 -22.46 8.40 -12.48
CA GLY C 7 -23.75 7.98 -11.95
C GLY C 7 -23.57 6.66 -11.23
N SER C 8 -24.26 6.50 -10.11
CA SER C 8 -24.23 5.26 -9.36
C SER C 8 -25.64 4.88 -8.93
N LEU C 9 -25.94 3.60 -9.04
CA LEU C 9 -27.26 3.07 -8.74
C LEU C 9 -27.08 1.75 -8.02
N GLU C 10 -27.91 1.51 -7.00
CA GLU C 10 -27.75 0.32 -6.17
C GLU C 10 -29.10 -0.34 -5.96
N THR C 11 -29.17 -1.65 -6.19
CA THR C 11 -30.40 -2.42 -6.06
C THR C 11 -30.30 -3.48 -4.97
N LYS C 12 -31.47 -3.90 -4.51
CA LYS C 12 -31.59 -5.15 -3.77
C LYS C 12 -31.66 -6.28 -4.77
N GLY C 13 -30.65 -7.16 -4.76
CA GLY C 13 -30.60 -8.27 -5.71
C GLY C 13 -29.81 -7.94 -6.97
N PHE C 14 -29.17 -8.98 -7.52
CA PHE C 14 -28.35 -8.81 -8.71
C PHE C 14 -29.20 -8.61 -9.97
N PRO C 15 -30.31 -9.34 -10.14
CA PRO C 15 -31.11 -9.16 -11.37
C PRO C 15 -31.51 -7.71 -11.62
N GLY C 16 -31.87 -6.97 -10.58
CA GLY C 16 -32.21 -5.57 -10.78
C GLY C 16 -31.06 -4.73 -11.31
N VAL C 17 -29.84 -5.00 -10.83
CA VAL C 17 -28.70 -4.20 -11.28
C VAL C 17 -28.32 -4.58 -12.70
N LEU C 18 -28.53 -5.85 -13.06
CA LEU C 18 -28.30 -6.29 -14.44
C LEU C 18 -29.25 -5.60 -15.40
N ALA C 19 -30.55 -5.54 -15.05
CA ALA C 19 -31.51 -4.82 -15.87
C ALA C 19 -31.13 -3.35 -16.01
N ALA C 20 -30.80 -2.72 -14.89
CA ALA C 20 -30.49 -1.29 -14.91
C ALA C 20 -29.25 -0.99 -15.74
N ALA C 21 -28.21 -1.81 -15.58
CA ALA C 21 -26.97 -1.55 -16.32
C ALA C 21 -27.21 -1.64 -17.82
N ASP C 22 -27.96 -2.65 -18.27
CA ASP C 22 -28.19 -2.83 -19.70
C ASP C 22 -28.97 -1.65 -20.26
N ALA C 23 -29.97 -1.16 -19.51
CA ALA C 23 -30.73 0.00 -19.97
C ALA C 23 -29.86 1.24 -20.04
N MET C 24 -28.99 1.43 -19.05
CA MET C 24 -28.16 2.63 -19.01
C MET C 24 -27.24 2.72 -20.22
N VAL C 25 -26.49 1.66 -20.52
CA VAL C 25 -25.49 1.78 -21.57
C VAL C 25 -26.13 1.76 -22.95
N LYS C 26 -27.38 1.29 -23.05
CA LYS C 26 -28.11 1.34 -24.31
C LYS C 26 -28.83 2.67 -24.52
N THR C 27 -28.97 3.48 -23.49
CA THR C 27 -29.73 4.72 -23.61
C THR C 27 -28.86 5.95 -23.72
N GLY C 28 -27.79 6.03 -22.93
CA GLY C 28 -26.87 7.15 -22.96
C GLY C 28 -25.54 6.73 -23.52
N ARG C 29 -24.78 7.71 -24.02
CA ARG C 29 -23.40 7.49 -24.44
C ARG C 29 -22.55 7.46 -23.18
N VAL C 30 -22.66 6.34 -22.46
CA VAL C 30 -22.00 6.17 -21.17
C VAL C 30 -21.29 4.82 -21.14
N THR C 31 -20.35 4.72 -20.21
CA THR C 31 -19.60 3.51 -19.98
C THR C 31 -19.91 3.00 -18.58
N LEU C 32 -20.29 1.73 -18.48
CA LEU C 32 -20.34 1.04 -17.19
C LEU C 32 -18.92 0.67 -16.82
N VAL C 33 -18.40 1.24 -15.73
CA VAL C 33 -16.99 1.05 -15.40
C VAL C 33 -16.76 -0.05 -14.37
N GLY C 34 -17.76 -0.38 -13.58
CA GLY C 34 -17.59 -1.39 -12.56
C GLY C 34 -18.86 -1.60 -11.76
N TYR C 35 -18.80 -2.59 -10.89
CA TYR C 35 -19.86 -2.87 -9.94
C TYR C 35 -19.25 -3.27 -8.61
N ILE C 36 -20.08 -3.20 -7.57
CA ILE C 36 -19.69 -3.51 -6.20
C ILE C 36 -20.72 -4.48 -5.61
N ARG C 37 -20.24 -5.54 -4.95
CA ARG C 37 -21.08 -6.31 -4.04
C ARG C 37 -21.09 -5.59 -2.71
N ALA C 38 -22.20 -4.94 -2.39
CA ALA C 38 -22.22 -4.04 -1.25
C ALA C 38 -22.51 -4.76 0.06
N GLY C 39 -22.89 -6.03 0.00
CA GLY C 39 -23.40 -6.74 1.15
C GLY C 39 -24.92 -6.66 1.24
N SER C 40 -25.48 -7.59 2.01
CA SER C 40 -26.93 -7.66 2.21
C SER C 40 -27.66 -7.81 0.88
N ALA C 41 -27.06 -8.58 -0.03
CA ALA C 41 -27.58 -8.84 -1.36
C ALA C 41 -27.82 -7.56 -2.16
N ARG C 42 -27.12 -6.47 -1.81
CA ARG C 42 -27.19 -5.24 -2.58
C ARG C 42 -26.01 -5.14 -3.54
N PHE C 43 -26.27 -4.59 -4.72
CA PHE C 43 -25.28 -4.46 -5.76
C PHE C 43 -25.31 -3.04 -6.29
N THR C 44 -24.12 -2.47 -6.46
CA THR C 44 -23.90 -1.11 -6.94
C THR C 44 -23.29 -1.16 -8.34
N ILE C 45 -23.78 -0.30 -9.25
CA ILE C 45 -23.13 -0.13 -10.53
C ILE C 45 -22.76 1.35 -10.69
N ILE C 46 -21.71 1.59 -11.48
CA ILE C 46 -21.13 2.91 -11.69
C ILE C 46 -20.98 3.14 -13.19
N ILE C 47 -21.49 4.28 -13.68
CA ILE C 47 -21.32 4.68 -15.07
C ILE C 47 -20.62 6.04 -15.12
N ARG C 48 -19.92 6.27 -16.21
CA ARG C 48 -19.27 7.54 -16.48
C ARG C 48 -19.63 8.03 -17.87
N GLY C 49 -19.66 9.34 -18.02
CA GLY C 49 -19.90 9.94 -19.32
C GLY C 49 -20.22 11.41 -19.19
N ASP C 50 -20.54 12.02 -20.33
CA ASP C 50 -21.02 13.40 -20.29
C ASP C 50 -22.25 13.47 -19.40
N VAL C 51 -22.36 14.58 -18.66
CA VAL C 51 -23.43 14.71 -17.67
C VAL C 51 -24.80 14.52 -18.29
N SER C 52 -25.04 15.08 -19.48
CA SER C 52 -26.37 14.92 -20.05
C SER C 52 -26.64 13.46 -20.39
N GLU C 53 -25.61 12.72 -20.81
CA GLU C 53 -25.76 11.32 -21.15
C GLU C 53 -25.96 10.47 -19.89
N VAL C 54 -25.26 10.83 -18.81
CA VAL C 54 -25.46 10.12 -17.55
C VAL C 54 -26.88 10.33 -17.03
N LYS C 55 -27.43 11.54 -17.20
CA LYS C 55 -28.79 11.79 -16.71
C LYS C 55 -29.80 10.90 -17.45
N THR C 56 -29.74 10.86 -18.79
CA THR C 56 -30.69 10.04 -19.54
C THR C 56 -30.47 8.56 -19.26
N ALA C 57 -29.22 8.11 -19.21
CA ALA C 57 -28.95 6.72 -18.85
C ALA C 57 -29.50 6.39 -17.47
N MET C 58 -29.28 7.27 -16.48
CA MET C 58 -29.77 7.01 -15.14
C MET C 58 -31.28 6.90 -15.12
N ASP C 59 -31.99 7.77 -15.85
CA ASP C 59 -33.44 7.67 -15.92
C ASP C 59 -33.86 6.29 -16.41
N ALA C 60 -33.22 5.82 -17.47
CA ALA C 60 -33.57 4.50 -18.00
C ALA C 60 -33.23 3.39 -17.01
N GLY C 61 -32.09 3.50 -16.32
CA GLY C 61 -31.73 2.48 -15.35
C GLY C 61 -32.71 2.39 -14.19
N ILE C 62 -33.13 3.55 -13.67
CA ILE C 62 -34.11 3.57 -12.59
C ILE C 62 -35.37 2.84 -13.01
N HIS C 63 -35.87 3.15 -14.21
CA HIS C 63 -37.10 2.51 -14.67
C HIS C 63 -36.90 1.04 -14.97
N ALA C 64 -35.69 0.63 -15.37
CA ALA C 64 -35.47 -0.77 -15.72
C ALA C 64 -35.48 -1.68 -14.49
N VAL C 65 -35.18 -1.16 -13.30
CA VAL C 65 -35.14 -2.03 -12.13
C VAL C 65 -36.46 -2.75 -11.94
N ASP C 66 -37.58 -2.05 -12.24
CA ASP C 66 -38.90 -2.65 -12.09
C ASP C 66 -39.13 -3.82 -13.03
N LYS C 67 -38.31 -3.96 -14.07
CA LYS C 67 -38.48 -5.08 -14.97
C LYS C 67 -37.96 -6.39 -14.39
N ALA C 68 -37.22 -6.34 -13.28
CA ALA C 68 -36.76 -7.54 -12.61
C ALA C 68 -37.73 -7.86 -11.46
N TYR C 69 -38.41 -8.99 -11.55
CA TYR C 69 -39.22 -9.47 -10.44
C TYR C 69 -38.41 -9.46 -9.14
N GLY C 70 -38.99 -8.92 -8.09
CA GLY C 70 -38.39 -8.96 -6.78
C GLY C 70 -37.28 -7.96 -6.52
N ALA C 71 -36.87 -7.20 -7.54
CA ALA C 71 -35.82 -6.21 -7.34
C ALA C 71 -36.38 -4.97 -6.65
N ALA C 72 -35.50 -4.27 -5.92
CA ALA C 72 -35.81 -2.97 -5.33
C ALA C 72 -34.71 -1.97 -5.69
N LEU C 73 -35.11 -0.77 -6.05
CA LEU C 73 -34.17 0.32 -6.21
C LEU C 73 -33.94 0.94 -4.85
N GLU C 74 -32.69 0.86 -4.35
CA GLU C 74 -32.41 1.34 -3.00
C GLU C 74 -31.93 2.78 -2.98
N THR C 75 -31.06 3.16 -3.90
CA THR C 75 -30.37 4.45 -3.79
C THR C 75 -29.62 4.72 -5.10
N TRP C 76 -29.49 6.00 -5.43
CA TRP C 76 -28.76 6.40 -6.63
C TRP C 76 -28.34 7.86 -6.51
N VAL C 77 -27.36 8.25 -7.33
CA VAL C 77 -26.87 9.63 -7.34
C VAL C 77 -26.18 9.89 -8.68
N ILE C 78 -26.15 11.17 -9.08
CA ILE C 78 -25.30 11.69 -10.15
C ILE C 78 -24.43 12.81 -9.57
N ILE C 79 -23.13 12.73 -9.82
CA ILE C 79 -22.16 13.77 -9.48
C ILE C 79 -21.63 14.33 -10.79
N PRO C 80 -21.98 15.57 -11.15
CA PRO C 80 -21.68 16.04 -12.52
C PRO C 80 -20.20 16.15 -12.89
N ARG C 81 -19.32 16.44 -11.94
CA ARG C 81 -17.92 16.71 -12.23
C ARG C 81 -17.08 16.25 -11.03
N PRO C 82 -16.88 14.94 -10.90
CA PRO C 82 -16.29 14.42 -9.66
C PRO C 82 -14.82 14.80 -9.52
N HIS C 83 -14.43 15.08 -8.28
CA HIS C 83 -13.06 15.44 -7.95
C HIS C 83 -12.12 14.26 -8.18
N GLU C 84 -10.93 14.56 -8.71
CA GLU C 84 -9.94 13.52 -9.02
C GLU C 84 -9.58 12.64 -7.81
N ASN C 85 -9.60 13.20 -6.60
CA ASN C 85 -9.32 12.40 -5.40
C ASN C 85 -10.41 11.34 -5.18
N VAL C 86 -11.66 11.70 -5.49
CA VAL C 86 -12.76 10.76 -5.39
C VAL C 86 -12.61 9.66 -6.43
N GLU C 87 -12.30 10.05 -7.67
CA GLU C 87 -12.09 9.09 -8.74
C GLU C 87 -10.96 8.12 -8.40
N CYS C 88 -9.93 8.60 -7.72
CA CYS C 88 -8.79 7.78 -7.34
C CYS C 88 -9.18 6.74 -6.28
N VAL C 89 -9.84 7.17 -5.21
CA VAL C 89 -10.05 6.31 -4.04
C VAL C 89 -11.27 5.41 -4.23
N LEU C 90 -12.35 5.97 -4.72
CA LEU C 90 -13.58 5.21 -4.92
C LEU C 90 -13.52 4.51 -6.26
N PRO C 91 -14.27 3.40 -6.41
CA PRO C 91 -14.16 2.60 -7.63
C PRO C 91 -15.04 3.14 -8.74
N ILE C 92 -14.67 4.32 -9.26
CA ILE C 92 -15.47 5.01 -10.25
C ILE C 92 -14.67 5.43 -11.47
N ALA C 93 -13.38 5.12 -11.53
CA ALA C 93 -12.58 5.55 -12.67
C ALA C 93 -12.82 4.67 -13.91
N TYR C 94 -12.60 5.26 -15.08
CA TYR C 94 -12.40 4.46 -16.28
C TYR C 94 -11.22 3.53 -16.06
N ASN C 95 -11.24 2.36 -16.68
CA ASN C 95 -10.19 1.37 -16.50
C ASN C 95 -9.91 0.68 -17.82
N GLU C 96 -8.81 -0.06 -17.91
CA GLU C 96 -8.45 -0.60 -19.23
C GLU C 96 -9.42 -1.67 -19.69
N ASN C 97 -10.13 -2.32 -18.76
CA ASN C 97 -11.09 -3.35 -19.15
C ASN C 97 -12.25 -2.76 -19.96
N VAL C 98 -12.56 -1.47 -19.78
CA VAL C 98 -13.71 -0.86 -20.44
C VAL C 98 -13.28 0.20 -21.46
N GLU C 99 -12.00 0.26 -21.79
CA GLU C 99 -11.51 1.32 -22.67
C GLU C 99 -12.28 1.36 -23.98
N ARG C 100 -12.52 0.19 -24.59
CA ARG C 100 -13.15 0.18 -25.91
C ARG C 100 -14.56 0.74 -25.87
N PHE C 101 -15.22 0.67 -24.71
CA PHE C 101 -16.55 1.25 -24.60
C PHE C 101 -16.47 2.75 -24.39
N ARG C 102 -15.43 3.25 -23.72
CA ARG C 102 -15.26 4.68 -23.60
C ARG C 102 -15.00 5.30 -24.98
N GLU C 103 -14.11 4.67 -25.75
CA GLU C 103 -13.82 5.13 -27.10
C GLU C 103 -15.11 5.27 -27.92
N SER C 104 -15.97 4.27 -27.85
CA SER C 104 -17.20 4.29 -28.65
C SER C 104 -18.16 5.41 -28.22
N THR C 105 -18.08 5.89 -26.99
CA THR C 105 -18.92 7.01 -26.57
C THR C 105 -18.31 8.33 -27.05
N SER D 2 6.54 12.69 -4.68
CA SER D 2 7.68 13.48 -4.19
C SER D 2 8.68 13.69 -5.31
N LEU D 3 9.30 14.87 -5.32
CA LEU D 3 10.39 15.15 -6.25
C LEU D 3 11.76 14.85 -5.66
N ASP D 4 11.81 14.29 -4.45
CA ASP D 4 13.09 13.90 -3.86
C ASP D 4 13.85 12.97 -4.81
N ALA D 5 15.17 13.03 -4.72
CA ALA D 5 16.01 12.13 -5.48
C ALA D 5 15.73 10.67 -5.08
N VAL D 6 16.06 9.77 -5.99
CA VAL D 6 15.97 8.34 -5.74
C VAL D 6 17.33 7.72 -5.97
N GLY D 7 17.72 6.85 -5.05
CA GLY D 7 18.91 6.03 -5.20
C GLY D 7 18.49 4.58 -5.23
N SER D 8 19.10 3.81 -6.11
CA SER D 8 18.79 2.39 -6.21
C SER D 8 20.10 1.63 -6.32
N LEU D 9 20.22 0.55 -5.54
CA LEU D 9 21.42 -0.25 -5.48
C LEU D 9 21.01 -1.71 -5.43
N GLU D 10 21.73 -2.55 -6.17
CA GLU D 10 21.37 -3.96 -6.31
C GLU D 10 22.60 -4.83 -6.10
N THR D 11 22.48 -5.84 -5.23
CA THR D 11 23.56 -6.75 -4.88
C THR D 11 23.23 -8.20 -5.26
N LYS D 12 24.29 -8.99 -5.38
CA LYS D 12 24.14 -10.44 -5.39
C LYS D 12 24.09 -10.86 -3.92
N GLY D 13 22.95 -11.41 -3.52
CA GLY D 13 22.70 -11.87 -2.16
C GLY D 13 22.05 -10.81 -1.30
N PHE D 14 21.25 -11.28 -0.36
CA PHE D 14 20.52 -10.42 0.56
C PHE D 14 21.45 -9.77 1.59
N PRO D 15 22.43 -10.49 2.14
CA PRO D 15 23.29 -9.84 3.14
C PRO D 15 23.95 -8.57 2.64
N GLY D 16 24.39 -8.53 1.38
CA GLY D 16 25.01 -7.32 0.87
C GLY D 16 24.06 -6.14 0.87
N VAL D 17 22.79 -6.39 0.53
CA VAL D 17 21.81 -5.30 0.47
C VAL D 17 21.44 -4.84 1.88
N LEU D 18 21.46 -5.75 2.85
CA LEU D 18 21.21 -5.38 4.24
C LEU D 18 22.30 -4.46 4.76
N ALA D 19 23.57 -4.79 4.47
CA ALA D 19 24.69 -3.92 4.82
C ALA D 19 24.58 -2.55 4.16
N ALA D 20 24.26 -2.54 2.85
CA ALA D 20 24.17 -1.29 2.10
C ALA D 20 23.05 -0.42 2.66
N ALA D 21 21.90 -1.02 2.92
CA ALA D 21 20.76 -0.26 3.39
C ALA D 21 21.05 0.39 4.73
N ASP D 22 21.68 -0.36 5.64
CA ASP D 22 21.98 0.18 6.96
C ASP D 22 22.97 1.34 6.86
N ALA D 23 24.02 1.18 6.03
CA ALA D 23 24.98 2.25 5.85
C ALA D 23 24.33 3.49 5.25
N MET D 24 23.42 3.30 4.30
CA MET D 24 22.79 4.44 3.64
C MET D 24 22.02 5.30 4.62
N VAL D 25 21.13 4.70 5.41
CA VAL D 25 20.27 5.49 6.27
C VAL D 25 21.02 6.00 7.49
N LYS D 26 22.18 5.43 7.81
CA LYS D 26 22.98 5.96 8.89
C LYS D 26 23.87 7.11 8.45
N THR D 27 24.14 7.24 7.16
CA THR D 27 25.10 8.23 6.69
C THR D 27 24.44 9.42 6.01
N GLY D 28 23.38 9.22 5.25
CA GLY D 28 22.66 10.33 4.64
C GLY D 28 21.31 10.48 5.32
N ARG D 29 20.78 11.70 5.29
CA ARG D 29 19.40 11.97 5.74
C ARG D 29 18.46 11.52 4.64
N VAL D 30 18.33 10.18 4.55
CA VAL D 30 17.54 9.55 3.50
C VAL D 30 16.61 8.52 4.15
N THR D 31 15.60 8.13 3.40
CA THR D 31 14.62 7.11 3.78
C THR D 31 14.75 5.91 2.85
N LEU D 32 14.90 4.73 3.45
CA LEU D 32 14.73 3.48 2.73
C LEU D 32 13.24 3.23 2.54
N VAL D 33 12.77 3.20 1.29
CA VAL D 33 11.34 3.07 1.01
C VAL D 33 10.92 1.65 0.60
N GLY D 34 11.85 0.83 0.12
CA GLY D 34 11.44 -0.50 -0.29
C GLY D 34 12.61 -1.31 -0.82
N TYR D 35 12.31 -2.58 -1.09
CA TYR D 35 13.29 -3.46 -1.73
C TYR D 35 12.57 -4.36 -2.72
N ILE D 36 13.34 -4.95 -3.63
CA ILE D 36 12.83 -5.85 -4.67
C ILE D 36 13.62 -7.15 -4.65
N ARG D 37 12.92 -8.28 -4.71
CA ARG D 37 13.53 -9.54 -5.09
C ARG D 37 13.60 -9.58 -6.61
N ALA D 38 14.81 -9.39 -7.16
CA ALA D 38 14.97 -9.25 -8.59
C ALA D 38 15.06 -10.59 -9.30
N GLY D 39 15.24 -11.66 -8.55
CA GLY D 39 15.58 -12.94 -9.14
C GLY D 39 17.07 -13.15 -9.23
N SER D 40 17.44 -14.41 -9.44
CA SER D 40 18.84 -14.80 -9.53
C SER D 40 19.60 -14.39 -8.27
N ALA D 41 18.93 -14.44 -7.12
CA ALA D 41 19.51 -14.08 -5.83
C ALA D 41 20.00 -12.63 -5.80
N ARG D 42 19.45 -11.79 -6.67
CA ARG D 42 19.77 -10.38 -6.61
C ARG D 42 18.67 -9.61 -5.90
N PHE D 43 19.07 -8.59 -5.15
CA PHE D 43 18.17 -7.78 -4.33
C PHE D 43 18.44 -6.32 -4.60
N THR D 44 17.35 -5.56 -4.80
CA THR D 44 17.41 -4.13 -5.07
C THR D 44 16.89 -3.36 -3.87
N ILE D 45 17.57 -2.27 -3.49
CA ILE D 45 17.00 -1.40 -2.46
C ILE D 45 16.85 0.00 -3.05
N ILE D 46 15.88 0.74 -2.50
CA ILE D 46 15.49 2.06 -3.00
C ILE D 46 15.47 3.03 -1.82
N ILE D 47 16.19 4.16 -1.96
CA ILE D 47 16.18 5.23 -0.97
C ILE D 47 15.68 6.49 -1.66
N ARG D 48 15.08 7.37 -0.87
CA ARG D 48 14.64 8.69 -1.31
C ARG D 48 15.16 9.76 -0.36
N GLY D 49 15.37 10.95 -0.90
CA GLY D 49 15.75 12.08 -0.07
C GLY D 49 16.29 13.21 -0.93
N ASP D 50 16.78 14.25 -0.23
CA ASP D 50 17.48 15.33 -0.92
C ASP D 50 18.64 14.77 -1.74
N VAL D 51 18.86 15.33 -2.94
CA VAL D 51 19.85 14.74 -3.84
C VAL D 51 21.22 14.63 -3.19
N SER D 52 21.64 15.67 -2.44
CA SER D 52 22.97 15.62 -1.81
C SER D 52 23.03 14.53 -0.74
N GLU D 53 21.95 14.36 0.01
CA GLU D 53 21.92 13.29 1.01
C GLU D 53 21.88 11.92 0.35
N VAL D 54 21.16 11.79 -0.78
CA VAL D 54 21.15 10.52 -1.49
C VAL D 54 22.55 10.17 -2.01
N LYS D 55 23.29 11.18 -2.47
CA LYS D 55 24.65 10.93 -2.93
C LYS D 55 25.53 10.43 -1.77
N THR D 56 25.45 11.09 -0.63
CA THR D 56 26.26 10.68 0.52
C THR D 56 25.88 9.27 0.95
N ALA D 57 24.59 8.98 1.02
CA ALA D 57 24.12 7.65 1.39
C ALA D 57 24.58 6.59 0.41
N MET D 58 24.46 6.87 -0.90
CA MET D 58 24.86 5.88 -1.91
C MET D 58 26.34 5.54 -1.79
N ASP D 59 27.19 6.55 -1.57
CA ASP D 59 28.61 6.30 -1.41
C ASP D 59 28.87 5.35 -0.25
N ALA D 60 28.19 5.57 0.89
CA ALA D 60 28.35 4.69 2.04
C ALA D 60 27.80 3.28 1.76
N GLY D 61 26.65 3.20 1.10
CA GLY D 61 26.09 1.89 0.78
C GLY D 61 26.98 1.07 -0.13
N ILE D 62 27.57 1.72 -1.14
CA ILE D 62 28.48 1.06 -2.06
C ILE D 62 29.66 0.47 -1.30
N HIS D 63 30.28 1.27 -0.43
CA HIS D 63 31.42 0.75 0.32
C HIS D 63 31.01 -0.33 1.30
N ALA D 64 29.78 -0.26 1.84
CA ALA D 64 29.35 -1.24 2.82
C ALA D 64 29.13 -2.62 2.22
N VAL D 65 28.84 -2.72 0.92
CA VAL D 65 28.60 -4.03 0.33
C VAL D 65 29.80 -4.94 0.53
N ASP D 66 31.01 -4.39 0.42
CA ASP D 66 32.24 -5.19 0.60
C ASP D 66 32.41 -5.71 2.03
N LYS D 67 31.70 -5.17 3.00
CA LYS D 67 31.77 -5.65 4.38
C LYS D 67 31.02 -6.95 4.58
N ALA D 68 30.19 -7.34 3.61
CA ALA D 68 29.44 -8.57 3.66
C ALA D 68 30.22 -9.63 2.89
N TYR D 69 30.68 -10.65 3.59
CA TYR D 69 31.33 -11.76 2.93
C TYR D 69 30.49 -12.28 1.76
N GLY D 70 31.12 -12.42 0.62
CA GLY D 70 30.49 -13.04 -0.52
C GLY D 70 29.52 -12.18 -1.27
N ALA D 71 29.28 -10.96 -0.82
CA ALA D 71 28.36 -10.08 -1.54
C ALA D 71 29.05 -9.47 -2.75
N ALA D 72 28.25 -9.16 -3.77
CA ALA D 72 28.73 -8.40 -4.92
C ALA D 72 27.80 -7.25 -5.19
N LEU D 73 28.38 -6.09 -5.51
CA LEU D 73 27.61 -4.95 -5.98
C LEU D 73 27.42 -5.11 -7.48
N GLU D 74 26.17 -5.24 -7.93
CA GLU D 74 25.93 -5.49 -9.35
C GLU D 74 25.70 -4.20 -10.12
N THR D 75 24.95 -3.25 -9.55
CA THR D 75 24.48 -2.11 -10.33
C THR D 75 23.86 -1.10 -9.38
N TRP D 76 23.96 0.18 -9.75
CA TRP D 76 23.35 1.23 -8.95
C TRP D 76 23.16 2.47 -9.82
N VAL D 77 22.28 3.35 -9.36
CA VAL D 77 22.02 4.61 -10.05
C VAL D 77 21.44 5.59 -9.07
N ILE D 78 21.59 6.87 -9.37
CA ILE D 78 20.87 7.95 -8.72
C ILE D 78 20.11 8.68 -9.80
N ILE D 79 18.82 8.87 -9.58
CA ILE D 79 17.98 9.75 -10.40
C ILE D 79 17.69 10.98 -9.55
N PRO D 80 18.33 12.12 -9.83
CA PRO D 80 18.26 13.24 -8.88
C PRO D 80 16.88 13.80 -8.66
N ARG D 81 16.00 13.76 -9.65
CA ARG D 81 14.68 14.39 -9.54
C ARG D 81 13.71 13.65 -10.44
N PRO D 82 13.18 12.50 -9.98
CA PRO D 82 12.40 11.63 -10.87
C PRO D 82 11.04 12.18 -11.26
N HIS D 83 10.66 11.88 -12.49
CA HIS D 83 9.34 12.20 -13.01
C HIS D 83 8.26 11.44 -12.24
N GLU D 84 7.15 12.13 -11.97
CA GLU D 84 6.05 11.56 -11.19
C GLU D 84 5.50 10.27 -11.81
N ASN D 85 5.55 10.13 -13.14
CA ASN D 85 5.07 8.91 -13.81
C ASN D 85 5.96 7.72 -13.43
N VAL D 86 7.26 7.97 -13.27
CA VAL D 86 8.19 6.94 -12.84
C VAL D 86 7.93 6.55 -11.39
N GLU D 87 7.75 7.54 -10.52
CA GLU D 87 7.46 7.26 -9.12
C GLU D 87 6.17 6.46 -8.98
N CYS D 88 5.19 6.75 -9.82
CA CYS D 88 3.91 6.07 -9.80
C CYS D 88 4.05 4.60 -10.20
N VAL D 89 4.74 4.32 -11.31
CA VAL D 89 4.71 2.96 -11.86
C VAL D 89 5.75 2.06 -11.19
N LEU D 90 6.96 2.57 -11.00
CA LEU D 90 8.02 1.80 -10.40
C LEU D 90 7.95 1.87 -8.87
N PRO D 91 8.51 0.88 -8.16
CA PRO D 91 8.33 0.81 -6.70
C PRO D 91 9.34 1.67 -5.95
N ILE D 92 9.20 2.99 -6.10
CA ILE D 92 10.17 3.95 -5.56
C ILE D 92 9.53 5.05 -4.73
N ALA D 93 8.21 5.03 -4.55
CA ALA D 93 7.52 6.06 -3.78
C ALA D 93 7.71 5.90 -2.27
N TYR D 94 7.62 7.03 -1.56
CA TYR D 94 7.38 6.98 -0.14
C TYR D 94 6.07 6.25 0.12
N ASN D 95 5.96 5.64 1.28
CA ASN D 95 4.75 4.92 1.66
C ASN D 95 4.51 5.15 3.13
N GLU D 96 3.31 4.77 3.58
CA GLU D 96 2.91 5.09 4.95
C GLU D 96 3.76 4.34 5.97
N ASN D 97 4.30 3.19 5.59
CA ASN D 97 5.14 2.40 6.49
C ASN D 97 6.42 3.13 6.88
N VAL D 98 6.93 4.02 6.02
CA VAL D 98 8.21 4.67 6.29
C VAL D 98 8.05 6.18 6.50
N GLU D 99 6.81 6.65 6.66
CA GLU D 99 6.54 8.08 6.82
C GLU D 99 7.32 8.68 7.98
N ARG D 100 7.36 7.99 9.13
CA ARG D 100 8.02 8.58 10.29
C ARG D 100 9.52 8.75 10.06
N PHE D 101 10.12 7.97 9.18
CA PHE D 101 11.53 8.17 8.87
C PHE D 101 11.72 9.31 7.88
N ARG D 102 10.74 9.51 7.01
CA ARG D 102 10.77 10.67 6.10
C ARG D 102 10.72 11.96 6.90
N GLU D 103 9.75 12.04 7.83
CA GLU D 103 9.65 13.18 8.74
C GLU D 103 10.97 13.45 9.44
N SER D 104 11.62 12.40 9.92
CA SER D 104 12.86 12.56 10.67
C SER D 104 13.96 13.18 9.80
N THR D 105 13.96 12.93 8.50
CA THR D 105 14.95 13.53 7.60
C THR D 105 14.61 14.99 7.36
N SER E 2 13.19 -2.99 17.27
CA SER E 2 14.24 -3.50 18.13
C SER E 2 15.61 -3.06 17.65
N LEU E 3 16.49 -2.73 18.60
CA LEU E 3 17.87 -2.39 18.28
C LEU E 3 18.79 -3.60 18.34
N ASP E 4 18.24 -4.79 18.58
CA ASP E 4 19.05 -6.00 18.57
C ASP E 4 19.82 -6.13 17.26
N ALA E 5 20.99 -6.76 17.33
CA ALA E 5 21.77 -7.08 16.16
C ALA E 5 20.98 -7.98 15.21
N VAL E 6 21.39 -7.95 13.94
CA VAL E 6 20.83 -8.82 12.92
C VAL E 6 21.96 -9.57 12.25
N GLY E 7 21.76 -10.88 12.04
CA GLY E 7 22.65 -11.68 11.23
C GLY E 7 21.87 -12.28 10.06
N SER E 8 22.52 -12.35 8.90
CA SER E 8 21.89 -12.95 7.75
C SER E 8 22.90 -13.83 7.04
N LEU E 9 22.45 -15.00 6.62
CA LEU E 9 23.28 -15.98 5.95
C LEU E 9 22.50 -16.58 4.78
N GLU E 10 23.19 -16.84 3.67
CA GLU E 10 22.54 -17.33 2.46
C GLU E 10 23.34 -18.49 1.88
N THR E 11 22.64 -19.58 1.59
CA THR E 11 23.25 -20.79 1.05
C THR E 11 22.70 -21.09 -0.34
N LYS E 12 23.47 -21.91 -1.07
CA LYS E 12 22.99 -22.61 -2.25
C LYS E 12 22.33 -23.90 -1.77
N GLY E 13 21.05 -24.03 -2.00
CA GLY E 13 20.23 -25.17 -1.59
C GLY E 13 19.59 -24.96 -0.24
N PHE E 14 18.41 -25.57 -0.07
CA PHE E 14 17.66 -25.46 1.17
C PHE E 14 18.30 -26.28 2.29
N PRO E 15 18.80 -27.49 2.01
CA PRO E 15 19.39 -28.27 3.11
C PRO E 15 20.49 -27.55 3.84
N GLY E 16 21.35 -26.81 3.15
CA GLY E 16 22.38 -26.04 3.84
C GLY E 16 21.82 -24.97 4.76
N VAL E 17 20.74 -24.30 4.33
CA VAL E 17 20.16 -23.25 5.17
C VAL E 17 19.44 -23.87 6.37
N LEU E 18 18.90 -25.08 6.20
CA LEU E 18 18.31 -25.80 7.33
C LEU E 18 19.38 -26.15 8.37
N ALA E 19 20.53 -26.66 7.91
CA ALA E 19 21.64 -26.95 8.81
C ALA E 19 22.12 -25.70 9.55
N ALA E 20 22.31 -24.60 8.81
CA ALA E 20 22.80 -23.37 9.39
C ALA E 20 21.81 -22.80 10.39
N ALA E 21 20.52 -22.79 10.04
CA ALA E 21 19.52 -22.23 10.94
C ALA E 21 19.48 -23.00 12.26
N ASP E 22 19.53 -24.32 12.19
CA ASP E 22 19.45 -25.14 13.39
C ASP E 22 20.65 -24.87 14.29
N ALA E 23 21.85 -24.82 13.73
CA ALA E 23 23.04 -24.49 14.51
C ALA E 23 22.93 -23.10 15.13
N MET E 24 22.39 -22.14 14.40
CA MET E 24 22.34 -20.77 14.91
C MET E 24 21.50 -20.69 16.18
N VAL E 25 20.28 -21.21 16.13
CA VAL E 25 19.37 -21.03 17.25
C VAL E 25 19.75 -21.97 18.39
N LYS E 26 20.53 -23.02 18.14
CA LYS E 26 20.99 -23.88 19.23
C LYS E 26 22.22 -23.33 19.92
N THR E 27 22.97 -22.43 19.29
CA THR E 27 24.21 -21.98 19.88
C THR E 27 24.16 -20.58 20.44
N GLY E 28 23.27 -19.74 19.95
CA GLY E 28 23.12 -18.39 20.48
C GLY E 28 21.74 -18.15 21.06
N ARG E 29 21.63 -17.19 21.98
CA ARG E 29 20.32 -16.71 22.40
C ARG E 29 19.82 -15.76 21.33
N VAL E 30 19.42 -16.36 20.20
CA VAL E 30 18.97 -15.63 19.02
C VAL E 30 17.65 -16.23 18.57
N THR E 31 16.91 -15.43 17.81
CA THR E 31 15.64 -15.82 17.23
C THR E 31 15.79 -15.83 15.73
N LEU E 32 15.45 -16.96 15.10
CA LEU E 32 15.31 -17.01 13.64
C LEU E 32 13.97 -16.37 13.32
N VAL E 33 14.00 -15.23 12.62
CA VAL E 33 12.76 -14.49 12.41
C VAL E 33 12.11 -14.79 11.06
N GLY E 34 12.87 -15.26 10.09
CA GLY E 34 12.30 -15.54 8.79
C GLY E 34 13.33 -16.06 7.82
N TYR E 35 12.87 -16.42 6.63
CA TYR E 35 13.75 -16.83 5.56
C TYR E 35 13.22 -16.29 4.24
N ILE E 36 14.08 -16.29 3.23
CA ILE E 36 13.76 -15.78 1.90
C ILE E 36 14.15 -16.84 0.87
N ARG E 37 13.23 -17.12 -0.07
CA ARG E 37 13.61 -17.80 -1.30
C ARG E 37 14.18 -16.74 -2.22
N ALA E 38 15.49 -16.76 -2.40
CA ALA E 38 16.18 -15.69 -3.12
C ALA E 38 16.17 -15.89 -4.62
N GLY E 39 15.74 -17.05 -5.11
CA GLY E 39 15.94 -17.38 -6.50
C GLY E 39 17.26 -18.10 -6.70
N SER E 40 17.35 -18.79 -7.83
CA SER E 40 18.54 -19.56 -8.18
C SER E 40 18.88 -20.60 -7.11
N ALA E 41 17.85 -21.16 -6.47
CA ALA E 41 18.02 -22.17 -5.43
C ALA E 41 18.84 -21.68 -4.26
N ARG E 42 18.89 -20.36 -4.07
CA ARG E 42 19.53 -19.80 -2.89
C ARG E 42 18.47 -19.43 -1.87
N PHE E 43 18.83 -19.61 -0.59
CA PHE E 43 17.93 -19.36 0.53
C PHE E 43 18.65 -18.52 1.57
N THR E 44 17.95 -17.51 2.07
CA THR E 44 18.44 -16.60 3.07
C THR E 44 17.75 -16.84 4.40
N ILE E 45 18.51 -16.80 5.51
CA ILE E 45 17.91 -16.80 6.83
C ILE E 45 18.36 -15.56 7.60
N ILE E 46 17.54 -15.15 8.55
CA ILE E 46 17.75 -13.92 9.32
C ILE E 46 17.55 -14.24 10.80
N ILE E 47 18.53 -13.87 11.62
CA ILE E 47 18.41 -14.00 13.06
C ILE E 47 18.55 -12.63 13.72
N ARG E 48 17.94 -12.52 14.90
CA ARG E 48 18.05 -11.34 15.74
C ARG E 48 18.44 -11.75 17.15
N GLY E 49 19.15 -10.86 17.83
CA GLY E 49 19.54 -11.10 19.22
C GLY E 49 20.57 -10.09 19.65
N ASP E 50 21.04 -10.25 20.90
CA ASP E 50 22.18 -9.45 21.33
C ASP E 50 23.36 -9.68 20.40
N VAL E 51 24.15 -8.63 20.19
CA VAL E 51 25.27 -8.75 19.24
C VAL E 51 26.17 -9.93 19.59
N SER E 52 26.45 -10.16 20.88
CA SER E 52 27.35 -11.25 21.22
C SER E 52 26.75 -12.60 20.84
N GLU E 53 25.43 -12.74 21.00
CA GLU E 53 24.75 -13.98 20.65
C GLU E 53 24.64 -14.17 19.13
N VAL E 54 24.41 -13.08 18.39
CA VAL E 54 24.37 -13.18 16.94
C VAL E 54 25.73 -13.59 16.39
N LYS E 55 26.81 -13.04 16.96
CA LYS E 55 28.15 -13.41 16.51
C LYS E 55 28.43 -14.89 16.73
N THR E 56 28.10 -15.39 17.93
CA THR E 56 28.29 -16.80 18.21
C THR E 56 27.44 -17.68 17.32
N ALA E 57 26.14 -17.36 17.19
CA ALA E 57 25.24 -18.13 16.32
C ALA E 57 25.72 -18.14 14.89
N MET E 58 26.16 -16.99 14.39
CA MET E 58 26.63 -16.92 13.01
C MET E 58 27.84 -17.81 12.80
N ASP E 59 28.77 -17.81 13.76
CA ASP E 59 29.93 -18.69 13.63
C ASP E 59 29.49 -20.13 13.51
N ALA E 60 28.56 -20.55 14.35
CA ALA E 60 28.07 -21.92 14.27
C ALA E 60 27.37 -22.18 12.94
N GLY E 61 26.57 -21.22 12.47
CA GLY E 61 25.85 -21.42 11.23
C GLY E 61 26.78 -21.57 10.04
N ILE E 62 27.82 -20.74 9.98
CA ILE E 62 28.80 -20.81 8.90
C ILE E 62 29.42 -22.20 8.86
N HIS E 63 29.83 -22.71 10.03
CA HIS E 63 30.43 -24.04 10.10
C HIS E 63 29.43 -25.14 9.76
N ALA E 64 28.15 -24.96 10.08
CA ALA E 64 27.16 -26.01 9.86
C ALA E 64 26.83 -26.24 8.40
N VAL E 65 27.04 -25.25 7.53
CA VAL E 65 26.66 -25.41 6.13
C VAL E 65 27.36 -26.61 5.51
N ASP E 66 28.63 -26.81 5.88
CA ASP E 66 29.43 -27.90 5.35
C ASP E 66 28.90 -29.27 5.75
N LYS E 67 28.06 -29.35 6.78
CA LYS E 67 27.50 -30.65 7.18
C LYS E 67 26.46 -31.14 6.20
N ALA E 68 25.98 -30.28 5.31
CA ALA E 68 25.01 -30.63 4.29
C ALA E 68 25.73 -30.93 2.99
N TYR E 69 25.63 -32.18 2.54
CA TYR E 69 26.18 -32.57 1.25
C TYR E 69 25.70 -31.63 0.16
N GLY E 70 26.63 -31.14 -0.66
CA GLY E 70 26.27 -30.33 -1.80
C GLY E 70 25.92 -28.89 -1.49
N ALA E 71 25.91 -28.50 -0.22
CA ALA E 71 25.57 -27.13 0.13
C ALA E 71 26.76 -26.21 -0.10
N ALA E 72 26.47 -24.94 -0.38
CA ALA E 72 27.50 -23.93 -0.45
C ALA E 72 27.07 -22.73 0.38
N LEU E 73 28.01 -22.17 1.15
CA LEU E 73 27.80 -20.90 1.81
C LEU E 73 28.12 -19.78 0.83
N GLU E 74 27.11 -18.97 0.49
CA GLU E 74 27.33 -17.92 -0.51
C GLU E 74 27.74 -16.59 0.11
N THR E 75 27.11 -16.17 1.20
CA THR E 75 27.27 -14.80 1.68
C THR E 75 26.64 -14.67 3.05
N TRP E 76 27.20 -13.77 3.87
CA TRP E 76 26.65 -13.53 5.20
C TRP E 76 27.11 -12.18 5.69
N VAL E 77 26.40 -11.66 6.69
CA VAL E 77 26.74 -10.37 7.28
C VAL E 77 26.17 -10.35 8.68
N ILE E 78 26.79 -9.55 9.56
CA ILE E 78 26.25 -9.16 10.85
C ILE E 78 26.21 -7.63 10.91
N ILE E 79 25.06 -7.07 11.29
CA ILE E 79 24.91 -5.65 11.56
C ILE E 79 24.65 -5.51 13.05
N PRO E 80 25.62 -5.00 13.83
CA PRO E 80 25.46 -5.01 15.30
C PRO E 80 24.28 -4.22 15.83
N ARG E 81 23.90 -3.12 15.17
CA ARG E 81 22.88 -2.22 15.68
C ARG E 81 22.14 -1.61 14.50
N PRO E 82 21.21 -2.36 13.92
CA PRO E 82 20.57 -1.92 12.66
C PRO E 82 19.62 -0.75 12.87
N HIS E 83 19.62 0.16 11.90
CA HIS E 83 18.74 1.31 11.93
C HIS E 83 17.29 0.86 11.83
N GLU E 84 16.42 1.52 12.59
CA GLU E 84 15.00 1.15 12.65
C GLU E 84 14.33 1.16 11.28
N ASN E 85 14.77 2.03 10.37
CA ASN E 85 14.19 2.09 9.02
C ASN E 85 14.44 0.78 8.27
N VAL E 86 15.61 0.17 8.50
CA VAL E 86 15.95 -1.08 7.81
C VAL E 86 15.02 -2.21 8.25
N GLU E 87 14.79 -2.30 9.55
CA GLU E 87 13.93 -3.31 10.15
C GLU E 87 12.50 -3.20 9.61
N CYS E 88 12.09 -1.97 9.33
CA CYS E 88 10.76 -1.75 8.82
C CYS E 88 10.58 -2.33 7.42
N VAL E 89 11.53 -2.04 6.51
CA VAL E 89 11.39 -2.34 5.09
C VAL E 89 11.89 -3.74 4.74
N LEU E 90 13.05 -4.12 5.25
CA LEU E 90 13.60 -5.44 4.95
C LEU E 90 13.02 -6.46 5.92
N PRO E 91 12.95 -7.74 5.53
CA PRO E 91 12.25 -8.73 6.39
C PRO E 91 13.11 -9.27 7.52
N ILE E 92 13.41 -8.40 8.49
CA ILE E 92 14.34 -8.74 9.57
C ILE E 92 13.77 -8.47 10.94
N ALA E 93 12.53 -7.98 11.04
CA ALA E 93 11.96 -7.68 12.34
C ALA E 93 11.52 -8.95 13.06
N TYR E 94 11.51 -8.85 14.39
CA TYR E 94 10.72 -9.80 15.17
C TYR E 94 9.29 -9.71 14.70
N ASN E 95 8.59 -10.83 14.78
CA ASN E 95 7.21 -10.91 14.34
C ASN E 95 6.45 -11.78 15.33
N GLU E 96 5.12 -11.75 15.24
CA GLU E 96 4.36 -12.45 16.26
C GLU E 96 4.51 -13.96 16.15
N ASN E 97 4.86 -14.48 14.98
CA ASN E 97 5.04 -15.92 14.82
C ASN E 97 6.20 -16.44 15.67
N VAL E 98 7.20 -15.61 15.96
CA VAL E 98 8.39 -16.07 16.67
C VAL E 98 8.53 -15.44 18.05
N GLU E 99 7.47 -14.80 18.55
CA GLU E 99 7.55 -14.14 19.85
C GLU E 99 8.04 -15.07 20.96
N ARG E 100 7.56 -16.31 20.99
CA ARG E 100 7.89 -17.18 22.10
C ARG E 100 9.38 -17.50 22.17
N PHE E 101 10.11 -17.37 21.07
CA PHE E 101 11.55 -17.59 21.06
C PHE E 101 12.35 -16.37 21.48
N ARG E 102 11.80 -15.19 21.34
CA ARG E 102 12.44 -13.96 21.77
C ARG E 102 12.54 -13.89 23.31
N SER F 2 -6.14 1.57 -27.26
CA SER F 2 -5.52 2.71 -27.95
C SER F 2 -4.68 2.26 -29.15
N LEU F 3 -4.70 3.05 -30.21
CA LEU F 3 -3.82 2.76 -31.33
C LEU F 3 -2.46 3.42 -31.18
N ASP F 4 -2.20 4.09 -30.06
CA ASP F 4 -0.87 4.66 -29.85
C ASP F 4 0.21 3.59 -29.99
N ALA F 5 1.38 4.02 -30.44
CA ALA F 5 2.53 3.15 -30.50
C ALA F 5 2.89 2.63 -29.11
N VAL F 6 3.62 1.51 -29.10
CA VAL F 6 4.16 0.93 -27.88
C VAL F 6 5.67 0.79 -28.03
N GLY F 7 6.39 1.19 -26.99
CA GLY F 7 7.82 0.92 -26.89
C GLY F 7 8.08 0.07 -25.66
N SER F 8 9.00 -0.87 -25.79
CA SER F 8 9.39 -1.70 -24.64
C SER F 8 10.91 -1.84 -24.64
N LEU F 9 11.48 -1.74 -23.43
CA LEU F 9 12.91 -1.81 -23.23
C LEU F 9 13.17 -2.65 -21.99
N GLU F 10 14.19 -3.50 -22.04
CA GLU F 10 14.45 -4.43 -20.94
C GLU F 10 15.93 -4.37 -20.59
N THR F 11 16.23 -4.23 -19.30
CA THR F 11 17.60 -4.11 -18.82
C THR F 11 17.95 -5.27 -17.89
N LYS F 12 19.26 -5.50 -17.75
CA LYS F 12 19.79 -6.30 -16.65
C LYS F 12 19.93 -5.38 -15.45
N GLY F 13 19.21 -5.68 -14.38
CA GLY F 13 19.20 -4.86 -13.18
C GLY F 13 18.10 -3.82 -13.18
N PHE F 14 17.63 -3.51 -11.98
CA PHE F 14 16.57 -2.53 -11.81
C PHE F 14 17.07 -1.10 -12.03
N PRO F 15 18.26 -0.75 -11.53
CA PRO F 15 18.72 0.64 -11.74
C PRO F 15 18.73 1.09 -13.18
N GLY F 16 19.13 0.22 -14.12
CA GLY F 16 19.12 0.58 -15.52
C GLY F 16 17.73 0.88 -16.05
N VAL F 17 16.74 0.13 -15.60
CA VAL F 17 15.38 0.35 -16.08
C VAL F 17 14.80 1.62 -15.47
N LEU F 18 15.20 1.94 -14.25
CA LEU F 18 14.80 3.20 -13.62
C LEU F 18 15.37 4.39 -14.39
N ALA F 19 16.66 4.33 -14.73
CA ALA F 19 17.29 5.37 -15.54
C ALA F 19 16.59 5.52 -16.89
N ALA F 20 16.34 4.41 -17.56
CA ALA F 20 15.70 4.46 -18.88
C ALA F 20 14.30 5.05 -18.78
N ALA F 21 13.53 4.62 -17.78
CA ALA F 21 12.15 5.10 -17.64
C ALA F 21 12.11 6.60 -17.48
N ASP F 22 12.96 7.15 -16.60
CA ASP F 22 12.95 8.58 -16.33
C ASP F 22 13.31 9.37 -17.57
N ALA F 23 14.35 8.93 -18.29
CA ALA F 23 14.73 9.61 -19.53
C ALA F 23 13.60 9.57 -20.55
N MET F 24 12.91 8.43 -20.65
CA MET F 24 11.86 8.29 -21.65
C MET F 24 10.74 9.30 -21.43
N VAL F 25 10.21 9.38 -20.20
CA VAL F 25 9.04 10.21 -19.99
C VAL F 25 9.43 11.69 -19.90
N LYS F 26 10.70 11.99 -19.63
CA LYS F 26 11.13 13.40 -19.63
C LYS F 26 11.46 13.90 -21.03
N THR F 27 11.75 13.02 -21.97
CA THR F 27 12.19 13.42 -23.30
C THR F 27 11.09 13.35 -24.34
N GLY F 28 10.22 12.34 -24.29
CA GLY F 28 9.11 12.21 -25.22
C GLY F 28 7.78 12.43 -24.53
N ARG F 29 6.78 12.88 -25.29
CA ARG F 29 5.41 12.99 -24.79
C ARG F 29 4.81 11.58 -24.79
N VAL F 30 5.27 10.79 -23.82
CA VAL F 30 4.87 9.39 -23.70
C VAL F 30 4.47 9.12 -22.25
N THR F 31 3.74 8.02 -22.07
CA THR F 31 3.29 7.55 -20.79
C THR F 31 3.98 6.21 -20.49
N LEU F 32 4.61 6.13 -19.33
CA LEU F 32 5.05 4.84 -18.82
C LEU F 32 3.83 4.13 -18.22
N VAL F 33 3.45 2.99 -18.78
CA VAL F 33 2.22 2.33 -18.35
C VAL F 33 2.46 1.18 -17.36
N GLY F 34 3.65 0.59 -17.35
CA GLY F 34 3.91 -0.53 -16.46
C GLY F 34 5.32 -1.06 -16.60
N TYR F 35 5.65 -2.02 -15.72
CA TYR F 35 6.91 -2.72 -15.80
C TYR F 35 6.69 -4.18 -15.48
N ILE F 36 7.66 -5.01 -15.85
CA ILE F 36 7.63 -6.47 -15.63
C ILE F 36 8.93 -6.87 -14.96
N ARG F 37 8.84 -7.70 -13.91
CA ARG F 37 9.98 -8.48 -13.45
C ARG F 37 10.09 -9.72 -14.31
N ALA F 38 11.09 -9.76 -15.17
CA ALA F 38 11.21 -10.79 -16.20
C ALA F 38 11.90 -12.04 -15.70
N GLY F 39 12.49 -12.00 -14.51
CA GLY F 39 13.35 -13.06 -14.07
C GLY F 39 14.80 -12.81 -14.45
N SER F 40 15.69 -13.50 -13.75
CA SER F 40 17.13 -13.36 -14.00
C SER F 40 17.60 -11.92 -13.86
N ALA F 41 16.98 -11.20 -12.92
CA ALA F 41 17.28 -9.81 -12.61
C ALA F 41 17.10 -8.90 -13.80
N ARG F 42 16.27 -9.30 -14.75
CA ARG F 42 15.90 -8.45 -15.86
C ARG F 42 14.55 -7.79 -15.60
N PHE F 43 14.43 -6.56 -16.06
CA PHE F 43 13.25 -5.75 -15.86
C PHE F 43 12.86 -5.12 -17.19
N THR F 44 11.57 -5.16 -17.47
CA THR F 44 10.98 -4.62 -18.69
C THR F 44 10.13 -3.40 -18.36
N ILE F 45 10.23 -2.35 -19.19
CA ILE F 45 9.32 -1.23 -19.09
C ILE F 45 8.60 -1.07 -20.42
N ILE F 46 7.40 -0.50 -20.35
CA ILE F 46 6.50 -0.31 -21.49
C ILE F 46 6.03 1.13 -21.48
N ILE F 47 6.15 1.81 -22.65
CA ILE F 47 5.62 3.15 -22.83
C ILE F 47 4.63 3.14 -24.00
N ARG F 48 3.71 4.08 -23.96
CA ARG F 48 2.76 4.32 -25.04
C ARG F 48 2.76 5.79 -25.40
N GLY F 49 2.45 6.07 -26.66
CA GLY F 49 2.34 7.44 -27.13
C GLY F 49 2.34 7.49 -28.64
N ASP F 50 2.35 8.73 -29.15
CA ASP F 50 2.51 8.92 -30.60
C ASP F 50 3.81 8.27 -31.04
N VAL F 51 3.81 7.68 -32.24
CA VAL F 51 4.97 6.91 -32.67
C VAL F 51 6.24 7.77 -32.66
N SER F 52 6.13 9.02 -33.11
CA SER F 52 7.33 9.87 -33.12
C SER F 52 7.84 10.14 -31.71
N GLU F 53 6.92 10.31 -30.76
CA GLU F 53 7.33 10.56 -29.38
C GLU F 53 7.92 9.30 -28.76
N VAL F 54 7.38 8.12 -29.10
CA VAL F 54 7.96 6.87 -28.60
C VAL F 54 9.36 6.66 -29.13
N LYS F 55 9.60 7.00 -30.40
CA LYS F 55 10.94 6.89 -30.97
C LYS F 55 11.94 7.79 -30.23
N THR F 56 11.57 9.07 -30.02
CA THR F 56 12.45 9.99 -29.29
C THR F 56 12.66 9.52 -27.86
N ALA F 57 11.59 9.12 -27.18
CA ALA F 57 11.74 8.61 -25.81
C ALA F 57 12.64 7.37 -25.78
N MET F 58 12.44 6.43 -26.71
CA MET F 58 13.24 5.22 -26.72
C MET F 58 14.72 5.52 -26.90
N ASP F 59 15.05 6.47 -27.79
CA ASP F 59 16.45 6.86 -27.96
C ASP F 59 17.02 7.36 -26.65
N ALA F 60 16.28 8.22 -25.95
CA ALA F 60 16.76 8.73 -24.67
C ALA F 60 16.91 7.60 -23.66
N GLY F 61 15.95 6.68 -23.63
CA GLY F 61 16.02 5.57 -22.67
C GLY F 61 17.22 4.68 -22.91
N ILE F 62 17.50 4.37 -24.18
CA ILE F 62 18.65 3.55 -24.55
C ILE F 62 19.94 4.19 -24.05
N HIS F 63 20.10 5.49 -24.29
CA HIS F 63 21.33 6.15 -23.84
C HIS F 63 21.41 6.24 -22.33
N ALA F 64 20.26 6.33 -21.64
CA ALA F 64 20.30 6.48 -20.19
C ALA F 64 20.77 5.21 -19.49
N VAL F 65 20.56 4.05 -20.09
CA VAL F 65 20.97 2.81 -19.44
C VAL F 65 22.45 2.82 -19.15
N ASP F 66 23.25 3.38 -20.06
CA ASP F 66 24.70 3.45 -19.85
C ASP F 66 25.10 4.35 -18.69
N LYS F 67 24.22 5.24 -18.21
CA LYS F 67 24.52 6.08 -17.06
C LYS F 67 24.39 5.36 -15.72
N ALA F 68 23.80 4.16 -15.71
CA ALA F 68 23.65 3.37 -14.51
C ALA F 68 24.82 2.39 -14.44
N TYR F 69 25.67 2.56 -13.44
CA TYR F 69 26.77 1.63 -13.22
C TYR F 69 26.25 0.21 -13.21
N GLY F 70 26.89 -0.66 -13.99
CA GLY F 70 26.58 -2.07 -14.00
C GLY F 70 25.35 -2.48 -14.78
N ALA F 71 24.60 -1.55 -15.33
CA ALA F 71 23.42 -1.89 -16.09
C ALA F 71 23.80 -2.37 -17.48
N ALA F 72 22.95 -3.21 -18.05
CA ALA F 72 23.08 -3.61 -19.44
C ALA F 72 21.73 -3.46 -20.13
N LEU F 73 21.77 -2.94 -21.36
CA LEU F 73 20.59 -2.92 -22.22
C LEU F 73 20.49 -4.27 -22.91
N GLU F 74 19.41 -5.01 -22.66
CA GLU F 74 19.30 -6.34 -23.22
C GLU F 74 18.55 -6.38 -24.55
N THR F 75 17.44 -5.65 -24.65
CA THR F 75 16.54 -5.82 -25.78
C THR F 75 15.50 -4.70 -25.76
N TRP F 76 15.03 -4.31 -26.94
CA TRP F 76 14.01 -3.26 -27.03
C TRP F 76 13.31 -3.38 -28.38
N VAL F 77 12.13 -2.76 -28.46
CA VAL F 77 11.34 -2.78 -29.69
C VAL F 77 10.38 -1.60 -29.66
N ILE F 78 9.99 -1.14 -30.85
CA ILE F 78 8.86 -0.23 -31.01
C ILE F 78 7.89 -0.85 -32.00
N ILE F 79 6.60 -0.88 -31.64
CA ILE F 79 5.50 -1.32 -32.49
C ILE F 79 4.63 -0.09 -32.77
N PRO F 80 4.58 0.40 -34.01
CA PRO F 80 3.89 1.69 -34.24
C PRO F 80 2.40 1.67 -33.95
N ARG F 81 1.71 0.57 -34.17
CA ARG F 81 0.25 0.51 -34.05
C ARG F 81 -0.16 -0.89 -33.61
N PRO F 82 -0.04 -1.19 -32.33
CA PRO F 82 -0.26 -2.57 -31.88
C PRO F 82 -1.72 -3.00 -31.98
N HIS F 83 -1.89 -4.28 -32.31
CA HIS F 83 -3.20 -4.88 -32.41
C HIS F 83 -3.91 -4.90 -31.06
N GLU F 84 -5.22 -4.67 -31.10
CA GLU F 84 -6.00 -4.63 -29.87
C GLU F 84 -5.88 -5.93 -29.06
N ASN F 85 -5.75 -7.08 -29.71
CA ASN F 85 -5.61 -8.36 -29.00
C ASN F 85 -4.31 -8.41 -28.22
N VAL F 86 -3.26 -7.80 -28.76
CA VAL F 86 -1.98 -7.72 -28.06
C VAL F 86 -2.11 -6.79 -26.86
N GLU F 87 -2.75 -5.64 -27.05
CA GLU F 87 -2.93 -4.70 -25.96
C GLU F 87 -3.74 -5.35 -24.83
N CYS F 88 -4.69 -6.20 -25.19
CA CYS F 88 -5.53 -6.88 -24.21
C CYS F 88 -4.74 -7.91 -23.40
N VAL F 89 -3.98 -8.76 -24.06
CA VAL F 89 -3.37 -9.90 -23.38
C VAL F 89 -2.02 -9.53 -22.74
N LEU F 90 -1.19 -8.78 -23.45
CA LEU F 90 0.11 -8.41 -22.91
C LEU F 90 -0.01 -7.14 -22.06
N PRO F 91 0.92 -6.93 -21.12
CA PRO F 91 0.75 -5.80 -20.17
C PRO F 91 1.22 -4.48 -20.77
N ILE F 92 0.50 -3.97 -21.77
CA ILE F 92 0.93 -2.78 -22.50
C ILE F 92 -0.15 -1.72 -22.62
N ALA F 93 -1.35 -1.95 -22.10
CA ALA F 93 -2.44 -1.00 -22.20
C ALA F 93 -2.24 0.20 -21.27
N TYR F 94 -2.84 1.33 -21.64
CA TYR F 94 -3.08 2.39 -20.67
C TYR F 94 -3.96 1.86 -19.55
N ASN F 95 -3.80 2.40 -18.35
CA ASN F 95 -4.57 1.91 -17.21
C ASN F 95 -4.91 3.10 -16.34
N GLU F 96 -5.82 2.90 -15.37
CA GLU F 96 -6.31 4.06 -14.62
C GLU F 96 -5.22 4.68 -13.73
N ASN F 97 -4.21 3.91 -13.35
CA ASN F 97 -3.13 4.41 -12.49
C ASN F 97 -2.33 5.50 -13.19
N VAL F 98 -2.26 5.48 -14.53
CA VAL F 98 -1.43 6.41 -15.29
C VAL F 98 -2.25 7.36 -16.15
N GLU F 99 -3.56 7.42 -15.94
CA GLU F 99 -4.43 8.25 -16.78
C GLU F 99 -3.97 9.71 -16.80
N ARG F 100 -3.62 10.27 -15.63
CA ARG F 100 -3.28 11.69 -15.61
C ARG F 100 -2.04 11.99 -16.43
N PHE F 101 -1.15 11.00 -16.61
CA PHE F 101 0.02 11.21 -17.45
C PHE F 101 -0.31 11.09 -18.93
N ARG F 102 -1.27 10.23 -19.28
CA ARG F 102 -1.75 10.16 -20.65
C ARG F 102 -2.39 11.49 -21.04
N GLU F 103 -3.23 12.03 -20.16
CA GLU F 103 -3.85 13.32 -20.40
C GLU F 103 -2.80 14.39 -20.67
N SER F 104 -1.73 14.42 -19.87
CA SER F 104 -0.70 15.43 -20.08
C SER F 104 -0.10 15.36 -21.48
N THR F 105 -0.01 14.16 -22.05
CA THR F 105 0.55 13.99 -23.39
C THR F 105 -0.47 14.47 -24.42
#